data_6CL1
#
_entry.id   6CL1
#
_cell.length_a   88.373
_cell.length_b   88.373
_cell.length_c   186.401
_cell.angle_alpha   90.00
_cell.angle_beta   90.00
_cell.angle_gamma   120.00
#
_symmetry.space_group_name_H-M   'P 32 2 1'
#
loop_
_entity.id
_entity.type
_entity.pdbx_description
1 polymer 'Caspase-7 subunit p20'
2 polymer 'Caspase-7 subunit p11'
3 polymer ACE-1MH-ASP-B3L-PHE-1U8
4 water water
#
loop_
_entity_poly.entity_id
_entity_poly.type
_entity_poly.pdbx_seq_one_letter_code
_entity_poly.pdbx_strand_id
1 'polypeptide(L)'
;MADDQGCIEEQGVEDSANEDSVDAKPDRSSFVPSLFSKKKKNVTMRSIKTTRDRVPTYQYNMNFEKLGKCIIINNKNFDK
VTGMGVRNGTDKDAEALFKCFRSLGFDVIVYNDCSCAKMQDLLKKASEEDHTNAACFACILLSHGEENVIYGKDGVTPIK
DLTAHFRGDRCKTLLEKPKLFFIQACRGTELDDGIQAD
;
A,C
2 'polypeptide(L)'
;SGPINDTDANPRYKIPVEADFLFAYSTVPGYYSWRSPGRGSWFVQALCSILEEHGKDLEIMQILTRVNDRVARHFESQSD
DPHFHEKKQIPCVVSMLTKELYFSQLEHHHHHH
;
B,D
3 'polypeptide(L)' ACE(1MH)D(B3L)F(1U8) E,F
#
# COMPACT_ATOMS: atom_id res chain seq x y z
N THR A 57 -13.34 -15.28 13.11
CA THR A 57 -12.40 -14.56 13.98
C THR A 57 -11.45 -13.65 13.15
N TYR A 58 -11.66 -13.63 11.84
CA TYR A 58 -10.72 -13.02 10.89
C TYR A 58 -11.34 -11.87 10.10
N GLN A 59 -12.53 -11.41 10.48
CA GLN A 59 -13.17 -10.27 9.85
C GLN A 59 -13.47 -9.18 10.87
N TYR A 60 -13.54 -7.95 10.39
CA TYR A 60 -13.90 -6.83 11.25
C TYR A 60 -15.35 -7.00 11.69
N ASN A 61 -15.60 -6.75 12.98
CA ASN A 61 -16.97 -6.83 13.49
C ASN A 61 -17.83 -5.75 12.84
N MET A 62 -18.91 -6.16 12.19
CA MET A 62 -19.83 -5.26 11.50
C MET A 62 -21.19 -5.14 12.18
N ASN A 63 -21.38 -5.66 13.38
CA ASN A 63 -22.72 -5.63 13.97
C ASN A 63 -22.78 -4.39 14.84
N PHE A 64 -23.12 -3.27 14.21
CA PHE A 64 -23.29 -1.97 14.84
C PHE A 64 -24.55 -1.34 14.27
N GLU A 65 -24.94 -0.21 14.83
CA GLU A 65 -26.19 0.40 14.39
C GLU A 65 -26.01 1.12 13.07
N LYS A 66 -24.83 1.69 12.85
CA LYS A 66 -24.49 2.39 11.62
C LYS A 66 -23.23 1.77 11.03
N LEU A 67 -23.19 1.75 9.69
CA LEU A 67 -21.94 1.42 9.02
C LEU A 67 -20.88 2.46 9.35
N GLY A 68 -21.25 3.74 9.34
CA GLY A 68 -20.36 4.83 9.71
C GLY A 68 -20.49 6.05 8.82
N LYS A 69 -19.76 7.11 9.17
CA LYS A 69 -19.79 8.35 8.40
C LYS A 69 -18.94 8.20 7.14
N CYS A 70 -19.37 8.82 6.05
CA CYS A 70 -18.56 8.89 4.84
C CYS A 70 -18.49 10.33 4.40
N ILE A 71 -17.34 10.95 4.62
CA ILE A 71 -17.12 12.34 4.22
C ILE A 71 -16.54 12.34 2.83
N ILE A 72 -17.23 12.97 1.89
CA ILE A 72 -16.71 13.18 0.54
C ILE A 72 -16.38 14.66 0.40
N ILE A 73 -15.12 14.94 0.05
CA ILE A 73 -14.64 16.29 -0.19
C ILE A 73 -14.45 16.44 -1.69
N ASN A 74 -15.30 17.24 -2.35
CA ASN A 74 -15.34 17.35 -3.81
C ASN A 74 -14.92 18.76 -4.26
N ASN A 75 -13.62 18.90 -4.56
CA ASN A 75 -13.00 20.19 -4.90
C ASN A 75 -12.97 20.34 -6.43
N LYS A 76 -13.80 21.25 -6.96
CA LYS A 76 -13.91 21.47 -8.39
C LYS A 76 -13.27 22.75 -8.88
N ASN A 77 -13.49 23.84 -8.16
CA ASN A 77 -13.11 25.17 -8.61
C ASN A 77 -12.02 25.67 -7.66
N PHE A 78 -10.99 26.33 -8.21
CA PHE A 78 -9.84 26.74 -7.41
C PHE A 78 -9.55 28.23 -7.53
N ASP A 79 -8.98 28.78 -6.46
CA ASP A 79 -8.59 30.18 -6.43
C ASP A 79 -7.56 30.49 -7.49
N LYS A 80 -7.64 31.70 -8.05
CA LYS A 80 -6.69 32.13 -9.07
C LYS A 80 -5.24 32.00 -8.60
N VAL A 81 -5.00 32.18 -7.30
CA VAL A 81 -3.64 32.14 -6.75
C VAL A 81 -2.97 30.78 -7.01
N THR A 82 -3.74 29.69 -6.91
CA THR A 82 -3.15 28.38 -7.12
C THR A 82 -2.89 28.09 -8.59
N GLY A 83 -3.53 28.84 -9.48
CA GLY A 83 -3.37 28.62 -10.90
C GLY A 83 -3.89 27.30 -11.42
N MET A 84 -4.63 26.51 -10.62
CA MET A 84 -5.07 25.21 -11.09
C MET A 84 -6.46 25.26 -11.69
N GLY A 85 -6.63 24.49 -12.76
CA GLY A 85 -7.84 24.56 -13.54
C GLY A 85 -9.02 23.80 -12.95
N VAL A 86 -10.17 24.05 -13.58
CA VAL A 86 -11.41 23.45 -13.16
C VAL A 86 -11.38 21.94 -13.43
N ARG A 87 -11.77 21.17 -12.42
CA ARG A 87 -11.77 19.71 -12.52
C ARG A 87 -13.12 19.27 -13.07
N ASN A 88 -13.28 19.42 -14.37
CA ASN A 88 -14.51 18.99 -15.02
C ASN A 88 -14.66 17.49 -14.88
N GLY A 89 -15.91 17.04 -14.76
CA GLY A 89 -16.18 15.65 -14.50
C GLY A 89 -16.25 15.30 -13.02
N THR A 90 -15.69 16.13 -12.14
CA THR A 90 -15.64 15.76 -10.74
C THR A 90 -17.02 15.68 -10.08
N ASP A 91 -18.06 16.37 -10.60
CA ASP A 91 -19.38 16.23 -10.00
C ASP A 91 -20.08 14.96 -10.45
N LYS A 92 -19.74 14.42 -11.62
CA LYS A 92 -20.23 13.08 -11.96
C LYS A 92 -19.62 12.05 -11.04
N ASP A 93 -18.33 12.24 -10.70
CA ASP A 93 -17.68 11.34 -9.78
C ASP A 93 -18.36 11.35 -8.42
N ALA A 94 -18.51 12.54 -7.82
CA ALA A 94 -19.05 12.64 -6.48
C ALA A 94 -20.46 12.06 -6.39
N GLU A 95 -21.31 12.33 -7.38
CA GLU A 95 -22.66 11.80 -7.30
C GLU A 95 -22.65 10.29 -7.42
N ALA A 96 -21.80 9.73 -8.28
CA ALA A 96 -21.71 8.27 -8.36
C ALA A 96 -21.17 7.70 -7.06
N LEU A 97 -20.12 8.34 -6.53
CA LEU A 97 -19.62 7.97 -5.22
C LEU A 97 -20.71 8.08 -4.17
N PHE A 98 -21.53 9.13 -4.26
CA PHE A 98 -22.56 9.33 -3.26
C PHE A 98 -23.53 8.16 -3.25
N LYS A 99 -24.01 7.76 -4.43
CA LYS A 99 -24.95 6.64 -4.50
C LYS A 99 -24.28 5.33 -4.07
N CYS A 100 -23.05 5.07 -4.53
CA CYS A 100 -22.40 3.82 -4.16
C CYS A 100 -22.21 3.72 -2.67
N PHE A 101 -21.68 4.79 -2.06
CA PHE A 101 -21.35 4.67 -0.65
C PHE A 101 -22.60 4.72 0.22
N ARG A 102 -23.64 5.37 -0.26
CA ARG A 102 -24.93 5.31 0.43
C ARG A 102 -25.49 3.89 0.36
N SER A 103 -25.48 3.30 -0.85
CA SER A 103 -26.01 1.96 -1.04
C SER A 103 -25.29 0.95 -0.16
N LEU A 104 -24.00 1.16 0.11
CA LEU A 104 -23.28 0.29 1.02
C LEU A 104 -23.79 0.42 2.44
N GLY A 105 -24.33 1.59 2.81
CA GLY A 105 -24.81 1.87 4.16
C GLY A 105 -24.16 3.06 4.86
N PHE A 106 -23.28 3.83 4.23
CA PHE A 106 -22.64 4.96 4.89
C PHE A 106 -23.58 6.16 5.03
N ASP A 107 -23.34 6.94 6.07
CA ASP A 107 -24.02 8.24 6.19
C ASP A 107 -23.12 9.24 5.48
N VAL A 108 -23.44 9.50 4.20
CA VAL A 108 -22.57 10.27 3.32
C VAL A 108 -22.91 11.74 3.40
N ILE A 109 -21.91 12.60 3.40
CA ILE A 109 -22.09 14.04 3.26
C ILE A 109 -21.05 14.55 2.28
N VAL A 110 -21.47 15.37 1.32
CA VAL A 110 -20.57 15.91 0.30
C VAL A 110 -20.34 17.39 0.57
N TYR A 111 -19.08 17.76 0.78
CA TYR A 111 -18.65 19.13 0.97
C TYR A 111 -17.91 19.59 -0.28
N ASN A 112 -18.14 20.81 -0.73
CA ASN A 112 -17.66 21.24 -2.04
C ASN A 112 -16.70 22.40 -1.93
N ASP A 113 -15.73 22.41 -2.85
CA ASP A 113 -14.75 23.50 -2.99
C ASP A 113 -14.23 23.95 -1.63
N CYS A 114 -13.61 23.02 -0.91
CA CYS A 114 -13.18 23.26 0.45
C CYS A 114 -11.79 23.88 0.48
N SER A 115 -11.60 24.80 1.41
CA SER A 115 -10.28 25.33 1.69
C SER A 115 -9.51 24.29 2.49
N CYS A 116 -8.19 24.49 2.59
CA CYS A 116 -7.36 23.61 3.40
C CYS A 116 -7.83 23.62 4.86
N ALA A 117 -8.12 24.81 5.40
CA ALA A 117 -8.53 24.89 6.81
C ALA A 117 -9.85 24.15 7.04
N LYS A 118 -10.76 24.22 6.08
CA LYS A 118 -12.03 23.51 6.23
C LYS A 118 -11.81 22.00 6.20
N MET A 119 -10.93 21.53 5.32
CA MET A 119 -10.65 20.09 5.26
C MET A 119 -10.04 19.61 6.57
N GLN A 120 -9.11 20.37 7.15
CA GLN A 120 -8.56 19.95 8.43
C GLN A 120 -9.63 19.98 9.51
N ASP A 121 -10.46 21.02 9.50
CA ASP A 121 -11.48 21.11 10.53
C ASP A 121 -12.55 20.05 10.35
N LEU A 122 -13.04 19.88 9.12
CA LEU A 122 -13.96 18.78 8.81
C LEU A 122 -13.46 17.46 9.36
N LEU A 123 -12.23 17.08 9.00
CA LEU A 123 -11.72 15.81 9.47
C LEU A 123 -11.39 15.86 10.96
N LYS A 124 -10.97 16.96 11.48
CA LYS A 124 -10.72 16.93 12.90
C LYS A 124 -11.99 16.73 13.65
N LYS A 125 -13.07 17.32 13.21
CA LYS A 125 -14.32 17.20 13.91
C LYS A 125 -14.93 15.84 13.82
N ALA A 126 -14.83 15.24 12.66
CA ALA A 126 -15.36 13.94 12.47
C ALA A 126 -14.59 13.08 13.37
N SER A 127 -13.32 13.32 13.46
CA SER A 127 -12.57 12.46 14.37
C SER A 127 -13.05 12.57 15.80
N GLU A 128 -13.61 13.73 16.19
CA GLU A 128 -13.98 13.95 17.59
C GLU A 128 -15.41 13.58 17.89
N GLU A 129 -16.25 13.35 16.88
CA GLU A 129 -17.58 12.80 17.10
C GLU A 129 -17.47 11.44 17.79
N ASP A 130 -18.61 10.87 18.17
CA ASP A 130 -18.64 9.62 18.93
C ASP A 130 -19.02 8.49 17.98
N HIS A 131 -18.10 7.55 17.79
CA HIS A 131 -18.25 6.47 16.82
C HIS A 131 -18.58 5.13 17.47
N THR A 132 -18.94 5.11 18.75
CA THR A 132 -19.20 3.85 19.45
C THR A 132 -20.19 2.95 18.72
N ASN A 133 -21.18 3.53 18.05
CA ASN A 133 -22.20 2.75 17.36
C ASN A 133 -21.90 2.60 15.87
N ALA A 134 -20.67 2.90 15.44
CA ALA A 134 -20.27 2.85 14.05
C ALA A 134 -19.32 1.68 13.80
N ALA A 135 -19.45 1.03 12.64
CA ALA A 135 -18.50 -0.04 12.32
C ALA A 135 -17.19 0.52 11.78
N CYS A 136 -17.23 1.60 11.02
CA CYS A 136 -16.01 2.10 10.40
C CYS A 136 -16.24 3.54 9.98
N PHE A 137 -15.20 4.14 9.40
CA PHE A 137 -15.22 5.51 8.89
C PHE A 137 -14.62 5.51 7.49
N ALA A 138 -15.19 6.33 6.62
CA ALA A 138 -14.69 6.46 5.27
C ALA A 138 -14.59 7.94 4.96
N CYS A 139 -13.51 8.31 4.27
CA CYS A 139 -13.32 9.64 3.73
C CYS A 139 -12.83 9.51 2.29
N ILE A 140 -13.41 10.32 1.40
CA ILE A 140 -13.10 10.32 -0.01
C ILE A 140 -12.67 11.71 -0.41
N LEU A 141 -11.51 11.83 -1.06
CA LEU A 141 -10.94 13.11 -1.47
C LEU A 141 -10.85 13.15 -2.99
N LEU A 142 -11.51 14.11 -3.63
CA LEU A 142 -11.41 14.36 -5.07
C LEU A 142 -10.85 15.76 -5.28
N SER A 143 -9.62 15.87 -5.78
CA SER A 143 -8.98 17.19 -5.93
C SER A 143 -7.74 17.08 -6.82
N HIS A 144 -7.10 18.22 -7.03
CA HIS A 144 -5.76 18.22 -7.58
C HIS A 144 -4.80 17.76 -6.51
N GLY A 145 -3.68 17.17 -6.95
CA GLY A 145 -2.71 16.72 -5.98
C GLY A 145 -1.30 16.68 -6.53
N GLU A 146 -0.37 16.65 -5.58
CA GLU A 146 1.01 16.28 -5.82
C GLU A 146 1.42 15.38 -4.65
N GLU A 147 2.57 14.74 -4.76
CA GLU A 147 2.84 13.63 -3.86
C GLU A 147 2.77 14.04 -2.40
N ASN A 148 2.13 13.18 -1.60
CA ASN A 148 1.98 13.32 -0.15
C ASN A 148 1.03 14.42 0.24
N VAL A 149 0.35 15.03 -0.73
CA VAL A 149 -0.22 16.35 -0.58
C VAL A 149 -1.48 16.50 -1.43
N ILE A 150 -2.50 17.13 -0.87
CA ILE A 150 -3.79 17.35 -1.52
C ILE A 150 -4.09 18.85 -1.59
N TYR A 151 -4.75 19.27 -2.67
CA TYR A 151 -5.12 20.68 -2.85
C TYR A 151 -6.46 21.00 -2.19
N GLY A 152 -6.49 22.12 -1.46
CA GLY A 152 -7.73 22.84 -1.20
C GLY A 152 -7.96 23.90 -2.28
N LYS A 153 -9.02 24.69 -2.09
CA LYS A 153 -9.24 25.83 -2.98
C LYS A 153 -8.08 26.81 -2.89
N ASP A 154 -7.60 27.09 -1.67
CA ASP A 154 -6.53 28.07 -1.45
C ASP A 154 -5.13 27.53 -1.73
N GLY A 155 -4.91 26.22 -1.70
CA GLY A 155 -3.57 25.65 -1.81
C GLY A 155 -3.42 24.22 -1.34
N VAL A 156 -2.31 23.84 -0.73
CA VAL A 156 -2.03 22.43 -0.48
C VAL A 156 -1.87 22.18 1.02
N THR A 157 -2.21 20.96 1.42
CA THR A 157 -2.13 20.49 2.77
C THR A 157 -1.72 19.01 2.73
N PRO A 158 -0.90 18.58 3.67
CA PRO A 158 -0.38 17.20 3.61
C PRO A 158 -1.49 16.19 3.89
N ILE A 159 -1.53 15.13 3.09
CA ILE A 159 -2.50 14.07 3.30
C ILE A 159 -2.32 13.43 4.67
N LYS A 160 -1.07 13.28 5.13
CA LYS A 160 -0.83 12.73 6.46
C LYS A 160 -1.53 13.55 7.55
N ASP A 161 -1.63 14.87 7.39
CA ASP A 161 -2.25 15.67 8.44
C ASP A 161 -3.76 15.49 8.45
N LEU A 162 -4.36 15.20 7.29
CA LEU A 162 -5.79 14.92 7.26
C LEU A 162 -6.10 13.60 7.96
N THR A 163 -5.28 12.57 7.73
CA THR A 163 -5.61 11.27 8.28
C THR A 163 -5.16 11.09 9.72
N ALA A 164 -4.17 11.86 10.19
CA ALA A 164 -3.60 11.60 11.52
C ALA A 164 -4.64 11.73 12.61
N HIS A 165 -5.66 12.57 12.39
CA HIS A 165 -6.73 12.77 13.36
C HIS A 165 -7.42 11.47 13.75
N PHE A 166 -7.23 10.40 12.98
CA PHE A 166 -7.90 9.13 13.25
C PHE A 166 -6.96 8.08 13.81
N ARG A 167 -5.73 8.45 14.12
CA ARG A 167 -4.81 7.53 14.78
C ARG A 167 -5.44 7.00 16.05
N GLY A 168 -5.07 5.77 16.43
CA GLY A 168 -5.71 5.15 17.59
C GLY A 168 -5.69 6.03 18.82
N ASP A 169 -4.58 6.69 19.08
CA ASP A 169 -4.46 7.50 20.28
C ASP A 169 -5.24 8.80 20.19
N ARG A 170 -5.74 9.18 19.02
CA ARG A 170 -6.45 10.44 18.81
C ARG A 170 -7.92 10.28 18.50
N CYS A 171 -8.45 9.06 18.51
CA CYS A 171 -9.85 8.83 18.19
C CYS A 171 -10.31 7.49 18.75
N LYS A 172 -10.51 7.40 20.07
CA LYS A 172 -10.66 6.10 20.71
C LYS A 172 -11.89 5.33 20.24
N THR A 173 -12.92 6.03 19.74
CA THR A 173 -14.16 5.34 19.38
C THR A 173 -14.10 4.68 18.02
N LEU A 174 -13.02 4.91 17.27
CA LEU A 174 -12.73 4.16 16.05
C LEU A 174 -11.57 3.20 16.26
N LEU A 175 -11.10 3.03 17.49
CA LEU A 175 -10.05 2.08 17.77
C LEU A 175 -10.44 0.68 17.28
N GLU A 176 -9.49 0.01 16.63
CA GLU A 176 -9.68 -1.36 16.12
C GLU A 176 -10.77 -1.45 15.07
N LYS A 177 -11.17 -0.32 14.47
CA LYS A 177 -12.18 -0.27 13.43
C LYS A 177 -11.56 0.33 12.18
N PRO A 178 -11.96 -0.12 11.00
CA PRO A 178 -11.27 0.33 9.78
C PRO A 178 -11.52 1.80 9.50
N LYS A 179 -10.47 2.47 9.02
CA LYS A 179 -10.51 3.86 8.61
C LYS A 179 -10.07 3.92 7.15
N LEU A 180 -11.00 4.24 6.25
CA LEU A 180 -10.79 4.13 4.82
C LEU A 180 -10.65 5.51 4.18
N PHE A 181 -9.60 5.68 3.38
CA PHE A 181 -9.37 6.90 2.65
C PHE A 181 -9.22 6.56 1.19
N PHE A 182 -10.12 7.06 0.35
CA PHE A 182 -10.06 6.95 -1.09
C PHE A 182 -9.62 8.29 -1.64
N ILE A 183 -8.58 8.31 -2.48
CA ILE A 183 -7.93 9.56 -2.87
C ILE A 183 -7.71 9.61 -4.37
N GLN A 184 -8.46 10.46 -5.06
CA GLN A 184 -8.36 10.70 -6.49
C GLN A 184 -7.64 12.03 -6.69
N ALA A 185 -6.37 11.96 -7.14
CA ALA A 185 -5.46 13.10 -7.21
C ALA A 185 -4.14 12.68 -7.84
N CYS A 186 -3.44 13.60 -8.49
CA CYS A 186 -2.09 13.29 -8.96
C CYS A 186 -1.17 13.10 -7.77
N ARG A 187 -0.13 12.29 -7.97
CA ARG A 187 0.88 12.08 -6.95
C ARG A 187 2.25 12.43 -7.50
N GLY A 188 2.29 13.19 -8.57
CA GLY A 188 3.52 13.56 -9.20
C GLY A 188 3.30 13.76 -10.68
N THR A 189 4.41 13.70 -11.43
CA THR A 189 4.42 14.04 -12.84
C THR A 189 5.05 12.99 -13.76
N GLU A 190 5.59 11.88 -13.23
CA GLU A 190 5.97 10.76 -14.08
C GLU A 190 4.75 10.26 -14.84
N LEU A 191 4.98 9.70 -16.03
CA LEU A 191 3.91 9.16 -16.85
C LEU A 191 4.18 7.71 -17.16
N ASP A 192 3.09 6.95 -17.35
CA ASP A 192 3.15 5.51 -17.52
C ASP A 192 2.89 5.23 -19.00
N ASP A 193 3.97 4.97 -19.76
CA ASP A 193 3.85 4.91 -21.21
C ASP A 193 3.21 3.61 -21.70
N GLY A 194 3.09 2.60 -20.84
CA GLY A 194 2.46 1.34 -21.20
C GLY A 194 3.41 0.40 -21.92
N ILE A 195 2.86 -0.77 -22.27
CA ILE A 195 3.54 -1.79 -23.06
C ILE A 195 2.49 -2.80 -23.53
N GLN A 196 2.59 -3.24 -24.79
CA GLN A 196 1.53 -4.05 -25.41
C GLN A 196 1.35 -5.42 -24.73
N LYS B 14 -2.34 -3.43 24.26
CA LYS B 14 -2.07 -2.21 23.50
C LYS B 14 -1.97 -2.52 22.00
N ILE B 15 -2.43 -1.59 21.15
CA ILE B 15 -2.37 -1.81 19.72
C ILE B 15 -1.75 -0.57 19.06
N PRO B 16 -1.14 -0.70 17.87
CA PRO B 16 -0.42 0.43 17.29
C PRO B 16 -1.36 1.53 16.86
N VAL B 17 -0.88 2.75 17.01
CA VAL B 17 -1.72 3.90 16.70
C VAL B 17 -1.97 4.00 15.21
N GLU B 18 -1.11 3.41 14.38
CA GLU B 18 -1.27 3.54 12.93
C GLU B 18 -2.03 2.38 12.31
N ALA B 19 -2.47 1.42 13.13
CA ALA B 19 -3.18 0.25 12.65
C ALA B 19 -4.54 0.61 12.05
N ASP B 20 -5.08 -0.32 11.28
CA ASP B 20 -6.47 -0.29 10.80
C ASP B 20 -6.78 0.87 9.87
N PHE B 21 -5.78 1.37 9.13
CA PHE B 21 -6.01 2.31 8.05
C PHE B 21 -5.94 1.60 6.70
N LEU B 22 -6.71 2.10 5.73
CA LEU B 22 -6.57 1.70 4.35
C LEU B 22 -6.59 2.92 3.44
N PHE B 23 -5.59 3.05 2.58
CA PHE B 23 -5.56 4.13 1.61
C PHE B 23 -5.74 3.52 0.22
N ALA B 24 -6.82 3.89 -0.45
CA ALA B 24 -7.03 3.52 -1.84
C ALA B 24 -6.68 4.75 -2.68
N TYR B 25 -5.42 4.81 -3.13
CA TYR B 25 -5.03 5.90 -4.01
C TYR B 25 -5.37 5.57 -5.46
N SER B 26 -5.70 6.60 -6.22
CA SER B 26 -6.02 6.43 -7.64
C SER B 26 -4.80 6.13 -8.51
N THR B 27 -3.57 6.32 -8.00
CA THR B 27 -2.36 6.16 -8.80
C THR B 27 -1.16 5.92 -7.89
N VAL B 28 -0.05 5.51 -8.51
CA VAL B 28 1.16 5.16 -7.77
C VAL B 28 1.94 6.43 -7.46
N PRO B 29 2.81 6.43 -6.45
CA PRO B 29 3.57 7.65 -6.15
C PRO B 29 4.36 8.14 -7.36
N GLY B 30 4.26 9.44 -7.61
CA GLY B 30 5.02 10.10 -8.65
C GLY B 30 4.31 10.27 -9.97
N TYR B 31 3.11 9.70 -10.12
CA TYR B 31 2.51 9.57 -11.44
C TYR B 31 1.22 10.39 -11.56
N TYR B 32 0.83 10.62 -12.82
CA TYR B 32 -0.41 11.31 -13.12
C TYR B 32 -1.61 10.47 -12.72
N SER B 33 -2.76 11.14 -12.61
CA SER B 33 -4.06 10.50 -12.39
C SER B 33 -5.02 11.15 -13.37
N TRP B 34 -5.71 10.34 -14.15
CA TRP B 34 -6.43 10.82 -15.32
C TRP B 34 -7.92 11.02 -15.08
N ARG B 35 -8.46 12.10 -15.65
CA ARG B 35 -9.85 12.50 -15.48
C ARG B 35 -10.44 12.85 -16.84
N SER B 36 -11.45 12.09 -17.27
CA SER B 36 -12.18 12.45 -18.48
C SER B 36 -13.18 13.56 -18.15
N PRO B 37 -13.11 14.73 -18.80
CA PRO B 37 -13.98 15.85 -18.39
C PRO B 37 -15.46 15.54 -18.51
N GLY B 38 -15.86 14.61 -19.37
CA GLY B 38 -17.26 14.30 -19.55
C GLY B 38 -17.72 12.99 -18.94
N ARG B 39 -16.79 12.10 -18.58
CA ARG B 39 -17.14 10.79 -18.03
C ARG B 39 -16.68 10.58 -16.59
N GLY B 40 -15.87 11.48 -16.02
CA GLY B 40 -15.36 11.35 -14.68
C GLY B 40 -13.94 10.77 -14.66
N SER B 41 -13.32 10.83 -13.48
CA SER B 41 -11.97 10.28 -13.33
C SER B 41 -11.97 8.75 -13.47
N TRP B 42 -10.85 8.20 -13.97
CA TRP B 42 -10.79 6.77 -14.29
C TRP B 42 -10.99 5.92 -13.04
N PHE B 43 -10.28 6.26 -11.97
CA PHE B 43 -10.36 5.50 -10.74
C PHE B 43 -11.78 5.46 -10.20
N VAL B 44 -12.49 6.60 -10.20
CA VAL B 44 -13.83 6.63 -9.61
C VAL B 44 -14.81 5.81 -10.44
N GLN B 45 -14.83 5.98 -11.76
CA GLN B 45 -15.82 5.21 -12.51
C GLN B 45 -15.55 3.71 -12.39
N ALA B 46 -14.28 3.31 -12.35
CA ALA B 46 -13.96 1.90 -12.12
C ALA B 46 -14.40 1.45 -10.73
N LEU B 47 -14.12 2.27 -9.71
CA LEU B 47 -14.53 1.95 -8.34
C LEU B 47 -16.05 1.84 -8.22
N CYS B 48 -16.79 2.76 -8.82
CA CYS B 48 -18.24 2.71 -8.68
C CYS B 48 -18.80 1.50 -9.44
N SER B 49 -18.24 1.21 -10.62
CA SER B 49 -18.65 -0.01 -11.34
C SER B 49 -18.56 -1.24 -10.44
N ILE B 50 -17.39 -1.47 -9.83
CA ILE B 50 -17.20 -2.69 -9.04
C ILE B 50 -18.09 -2.67 -7.80
N LEU B 51 -18.23 -1.51 -7.17
CA LEU B 51 -19.05 -1.41 -5.97
C LEU B 51 -20.52 -1.65 -6.29
N GLU B 52 -21.01 -1.13 -7.43
CA GLU B 52 -22.39 -1.38 -7.82
C GLU B 52 -22.67 -2.87 -7.94
N GLU B 53 -21.76 -3.62 -8.58
CA GLU B 53 -21.98 -5.04 -8.80
C GLU B 53 -21.57 -5.91 -7.61
N HIS B 54 -20.58 -5.50 -6.79
CA HIS B 54 -19.98 -6.41 -5.83
C HIS B 54 -19.70 -5.83 -4.45
N GLY B 55 -20.18 -4.61 -4.15
CA GLY B 55 -19.89 -3.97 -2.88
C GLY B 55 -20.27 -4.78 -1.65
N LYS B 56 -21.36 -5.54 -1.72
CA LYS B 56 -21.85 -6.26 -0.55
C LYS B 56 -21.45 -7.74 -0.51
N ASP B 57 -20.77 -8.27 -1.54
CA ASP B 57 -20.37 -9.68 -1.47
C ASP B 57 -18.88 -9.94 -1.51
N LEU B 58 -18.03 -8.93 -1.73
CA LEU B 58 -16.60 -9.15 -1.85
C LEU B 58 -15.85 -8.41 -0.76
N GLU B 59 -14.72 -8.96 -0.35
CA GLU B 59 -13.85 -8.33 0.65
C GLU B 59 -13.18 -7.09 0.06
N ILE B 60 -12.80 -6.17 0.95
CA ILE B 60 -12.34 -4.84 0.49
C ILE B 60 -11.15 -4.99 -0.45
N MET B 61 -10.22 -5.90 -0.15
CA MET B 61 -9.07 -6.09 -1.04
C MET B 61 -9.46 -6.75 -2.36
N GLN B 62 -10.43 -7.66 -2.33
CA GLN B 62 -10.93 -8.19 -3.59
C GLN B 62 -11.52 -7.09 -4.44
N ILE B 63 -12.31 -6.20 -3.82
CA ILE B 63 -12.91 -5.09 -4.56
C ILE B 63 -11.85 -4.22 -5.20
N LEU B 64 -10.88 -3.76 -4.39
CA LEU B 64 -9.91 -2.80 -4.91
C LEU B 64 -8.97 -3.47 -5.91
N THR B 65 -8.74 -4.78 -5.75
CA THR B 65 -7.94 -5.48 -6.75
C THR B 65 -8.65 -5.54 -8.09
N ARG B 66 -9.96 -5.83 -8.11
CA ARG B 66 -10.70 -5.76 -9.37
C ARG B 66 -10.71 -4.35 -9.93
N VAL B 67 -10.76 -3.32 -9.05
CA VAL B 67 -10.68 -1.94 -9.52
C VAL B 67 -9.33 -1.67 -10.17
N ASN B 68 -8.24 -2.10 -9.51
CA ASN B 68 -6.90 -2.00 -10.09
C ASN B 68 -6.88 -2.58 -11.51
N ASP B 69 -7.47 -3.77 -11.68
CA ASP B 69 -7.50 -4.43 -12.98
C ASP B 69 -8.26 -3.61 -14.02
N ARG B 70 -9.46 -3.09 -13.66
CA ARG B 70 -10.24 -2.38 -14.67
C ARG B 70 -9.55 -1.09 -15.09
N VAL B 71 -8.94 -0.37 -14.15
CA VAL B 71 -8.20 0.84 -14.53
C VAL B 71 -7.02 0.50 -15.43
N ALA B 72 -6.35 -0.62 -15.16
CA ALA B 72 -5.16 -0.97 -15.93
C ALA B 72 -5.53 -1.35 -17.37
N ARG B 73 -6.64 -2.07 -17.55
CA ARG B 73 -6.98 -2.63 -18.85
C ARG B 73 -7.94 -1.76 -19.68
N HIS B 74 -8.99 -1.24 -19.06
CA HIS B 74 -10.05 -0.60 -19.83
C HIS B 74 -9.73 0.83 -20.24
N PHE B 75 -8.63 1.41 -19.76
CA PHE B 75 -8.45 2.84 -19.89
C PHE B 75 -7.12 3.15 -20.55
N GLU B 76 -7.14 4.10 -21.49
CA GLU B 76 -5.98 4.59 -22.19
C GLU B 76 -6.24 6.02 -22.63
N SER B 77 -5.33 6.94 -22.30
CA SER B 77 -5.58 8.35 -22.52
C SER B 77 -5.56 8.66 -24.01
N GLN B 78 -6.63 9.32 -24.49
CA GLN B 78 -6.72 9.80 -25.87
C GLN B 78 -6.48 11.30 -25.90
N SER B 79 -5.27 11.69 -26.31
CA SER B 79 -4.88 13.10 -26.42
C SER B 79 -4.07 13.27 -27.70
N ASP B 80 -4.05 14.52 -28.19
CA ASP B 80 -3.39 14.81 -29.46
C ASP B 80 -1.89 15.05 -29.28
N ASP B 81 -1.53 15.90 -28.31
CA ASP B 81 -0.16 16.13 -27.85
C ASP B 81 0.48 14.78 -27.53
N PRO B 82 1.45 14.31 -28.33
CA PRO B 82 1.97 12.94 -28.12
C PRO B 82 2.74 12.78 -26.81
N HIS B 83 3.04 13.90 -26.12
CA HIS B 83 3.55 13.84 -24.76
C HIS B 83 2.55 13.17 -23.81
N PHE B 84 1.26 13.25 -24.12
CA PHE B 84 0.20 12.65 -23.31
C PHE B 84 -0.61 11.61 -24.08
N HIS B 85 -0.11 11.11 -25.20
CA HIS B 85 -0.87 10.20 -26.05
C HIS B 85 -0.73 8.76 -25.57
N GLU B 86 -1.87 8.08 -25.41
CA GLU B 86 -1.94 6.64 -25.15
C GLU B 86 -1.20 6.25 -23.87
N LYS B 87 -1.43 7.02 -22.80
CA LYS B 87 -0.83 6.74 -21.51
C LYS B 87 -1.76 5.88 -20.64
N LYS B 88 -1.18 5.29 -19.60
CA LYS B 88 -1.84 4.29 -18.78
C LYS B 88 -1.77 4.70 -17.31
N GLN B 89 -2.46 3.92 -16.47
CA GLN B 89 -2.57 4.20 -15.04
C GLN B 89 -2.80 2.91 -14.27
N ILE B 90 -2.13 2.78 -13.12
CA ILE B 90 -2.39 1.72 -12.16
C ILE B 90 -2.65 2.38 -10.81
N PRO B 91 -3.74 2.05 -10.11
CA PRO B 91 -3.98 2.63 -8.78
C PRO B 91 -3.13 1.89 -7.75
N CYS B 92 -3.24 2.29 -6.48
CA CYS B 92 -2.27 1.86 -5.48
C CYS B 92 -2.97 1.75 -4.12
N VAL B 93 -3.06 0.53 -3.59
CA VAL B 93 -3.73 0.26 -2.33
C VAL B 93 -2.69 0.14 -1.23
N VAL B 94 -2.86 0.91 -0.16
CA VAL B 94 -2.02 0.79 1.03
C VAL B 94 -2.91 0.31 2.15
N SER B 95 -2.61 -0.87 2.69
CA SER B 95 -3.44 -1.48 3.73
C SER B 95 -2.66 -1.65 5.02
N MET B 96 -3.12 -0.98 6.07
CA MET B 96 -2.73 -1.34 7.42
C MET B 96 -3.86 -2.07 8.14
N LEU B 97 -4.80 -2.64 7.38
CA LEU B 97 -5.86 -3.41 7.99
C LEU B 97 -5.30 -4.67 8.67
N THR B 98 -6.00 -5.12 9.72
CA THR B 98 -5.63 -6.29 10.50
C THR B 98 -6.66 -7.39 10.44
N LYS B 99 -7.76 -7.20 9.69
CA LYS B 99 -8.84 -8.16 9.54
C LYS B 99 -9.38 -8.04 8.12
N GLU B 100 -10.11 -9.05 7.68
CA GLU B 100 -10.84 -8.92 6.42
C GLU B 100 -12.02 -7.98 6.62
N LEU B 101 -12.38 -7.23 5.58
CA LEU B 101 -13.47 -6.27 5.71
C LEU B 101 -14.50 -6.50 4.64
N TYR B 102 -15.71 -6.85 5.07
CA TYR B 102 -16.89 -6.98 4.23
C TYR B 102 -17.89 -5.93 4.68
N PHE B 103 -18.59 -5.33 3.75
CA PHE B 103 -19.62 -4.35 4.08
C PHE B 103 -20.98 -5.01 4.33
N SER B 104 -20.99 -6.08 5.14
CA SER B 104 -22.24 -6.79 5.44
C SER B 104 -22.23 -7.41 6.84
N THR C 57 -11.81 -14.76 -15.60
CA THR C 57 -11.42 -15.20 -14.25
C THR C 57 -10.68 -14.12 -13.46
N TYR C 58 -10.58 -14.37 -12.15
CA TYR C 58 -10.11 -13.35 -11.21
C TYR C 58 -8.85 -13.74 -10.43
N GLN C 59 -8.18 -14.84 -10.79
CA GLN C 59 -6.94 -15.22 -10.13
C GLN C 59 -5.80 -15.17 -11.13
N TYR C 60 -4.60 -14.90 -10.62
CA TYR C 60 -3.41 -14.95 -11.45
C TYR C 60 -3.21 -16.39 -11.90
N ASN C 61 -2.91 -16.57 -13.19
CA ASN C 61 -2.68 -17.89 -13.74
C ASN C 61 -1.45 -18.52 -13.10
N MET C 62 -1.64 -19.67 -12.45
CA MET C 62 -0.57 -20.36 -11.77
C MET C 62 -0.13 -21.63 -12.49
N ASN C 63 -0.51 -21.82 -13.72
CA ASN C 63 -0.13 -23.01 -14.39
C ASN C 63 1.12 -22.83 -15.19
N PHE C 64 2.22 -22.85 -14.49
CA PHE C 64 3.49 -22.76 -15.12
C PHE C 64 4.39 -23.87 -14.64
N GLU C 65 5.52 -24.01 -15.30
CA GLU C 65 6.50 -25.00 -14.98
C GLU C 65 7.05 -24.73 -13.61
N LYS C 66 7.32 -23.49 -13.32
CA LYS C 66 7.83 -23.11 -12.05
C LYS C 66 7.05 -22.05 -11.36
N LEU C 67 7.04 -22.06 -10.04
CA LEU C 67 6.45 -20.94 -9.30
C LEU C 67 7.25 -19.66 -9.52
N GLY C 68 8.58 -19.75 -9.49
CA GLY C 68 9.46 -18.63 -9.78
C GLY C 68 10.66 -18.47 -8.87
N LYS C 69 11.52 -17.50 -9.18
CA LYS C 69 12.70 -17.23 -8.37
C LYS C 69 12.31 -16.50 -7.08
N CYS C 70 13.03 -16.80 -5.99
CA CYS C 70 12.91 -16.03 -4.75
C CYS C 70 14.29 -15.61 -4.29
N ILE C 71 14.64 -14.36 -4.55
CA ILE C 71 15.94 -13.82 -4.19
C ILE C 71 15.88 -13.21 -2.79
N ILE C 72 16.72 -13.69 -1.87
CA ILE C 72 16.82 -13.14 -0.53
C ILE C 72 18.18 -12.46 -0.37
N ILE C 73 18.16 -11.21 0.08
CA ILE C 73 19.35 -10.44 0.38
C ILE C 73 19.42 -10.32 1.90
N ASN C 74 20.42 -10.93 2.49
CA ASN C 74 20.53 -11.02 3.93
C ASN C 74 21.74 -10.20 4.33
N ASN C 75 21.49 -8.92 4.64
CA ASN C 75 22.54 -7.96 4.98
C ASN C 75 22.68 -7.91 6.50
N LYS C 76 23.78 -8.45 7.00
CA LYS C 76 24.03 -8.50 8.43
C LYS C 76 25.10 -7.52 8.86
N ASN C 77 26.19 -7.42 8.09
CA ASN C 77 27.35 -6.61 8.44
C ASN C 77 27.50 -5.44 7.48
N PHE C 78 27.89 -4.30 8.05
CA PHE C 78 27.98 -3.05 7.32
C PHE C 78 29.33 -2.39 7.59
N ASP C 79 29.83 -1.65 6.60
CA ASP C 79 31.09 -0.93 6.78
C ASP C 79 30.94 0.08 7.92
N LYS C 80 32.02 0.23 8.70
CA LYS C 80 32.01 1.14 9.86
C LYS C 80 31.62 2.56 9.47
N VAL C 81 32.00 3.01 8.26
CA VAL C 81 31.72 4.38 7.81
C VAL C 81 30.24 4.66 7.76
N THR C 82 29.41 3.64 7.50
CA THR C 82 27.97 3.86 7.47
C THR C 82 27.41 4.07 8.86
N GLY C 83 28.19 3.80 9.90
CA GLY C 83 27.68 3.88 11.25
C GLY C 83 26.62 2.85 11.59
N MET C 84 26.40 1.86 10.72
CA MET C 84 25.32 0.92 10.91
C MET C 84 25.80 -0.29 11.70
N GLY C 85 24.98 -0.73 12.65
CA GLY C 85 25.37 -1.83 13.51
C GLY C 85 25.08 -3.20 12.90
N VAL C 86 25.64 -4.24 13.53
CA VAL C 86 25.43 -5.62 13.09
C VAL C 86 23.99 -5.99 13.36
N ARG C 87 23.31 -6.55 12.37
CA ARG C 87 21.87 -6.85 12.52
C ARG C 87 21.70 -8.26 13.08
N ASN C 88 21.92 -8.39 14.39
CA ASN C 88 21.72 -9.67 15.02
C ASN C 88 20.26 -10.09 14.88
N GLY C 89 20.03 -11.40 14.76
CA GLY C 89 18.74 -11.94 14.40
C GLY C 89 18.54 -12.19 12.92
N THR C 90 19.33 -11.55 12.05
CA THR C 90 18.98 -11.58 10.65
C THR C 90 19.22 -12.94 10.00
N ASP C 91 20.23 -13.69 10.40
CA ASP C 91 20.49 -14.99 9.82
C ASP C 91 19.35 -15.94 10.14
N LYS C 92 18.76 -15.75 11.28
CA LYS C 92 17.64 -16.53 11.70
C LYS C 92 16.43 -16.24 10.83
N ASP C 93 16.26 -15.00 10.46
CA ASP C 93 15.20 -14.57 9.60
C ASP C 93 15.42 -15.11 8.23
N ALA C 94 16.64 -15.01 7.74
CA ALA C 94 16.97 -15.53 6.41
C ALA C 94 16.79 -17.05 6.35
N GLU C 95 17.17 -17.77 7.41
CA GLU C 95 17.00 -19.23 7.38
C GLU C 95 15.51 -19.58 7.36
N ALA C 96 14.69 -18.88 8.17
CA ALA C 96 13.27 -19.17 8.23
C ALA C 96 12.57 -18.79 6.94
N LEU C 97 12.92 -17.62 6.39
CA LEU C 97 12.38 -17.23 5.10
C LEU C 97 12.72 -18.24 4.02
N PHE C 98 13.97 -18.70 4.01
CA PHE C 98 14.38 -19.63 2.96
C PHE C 98 13.57 -20.91 3.01
N LYS C 99 13.42 -21.50 4.21
CA LYS C 99 12.65 -22.73 4.32
C LYS C 99 11.19 -22.52 3.92
N CYS C 100 10.56 -21.40 4.35
CA CYS C 100 9.17 -21.12 3.98
C CYS C 100 9.01 -21.00 2.47
N PHE C 101 9.88 -20.20 1.84
CA PHE C 101 9.67 -19.95 0.42
C PHE C 101 10.09 -21.14 -0.44
N ARG C 102 11.02 -21.96 0.04
CA ARG C 102 11.28 -23.23 -0.63
C ARG C 102 10.03 -24.11 -0.58
N SER C 103 9.40 -24.19 0.59
CA SER C 103 8.23 -25.06 0.74
C SER C 103 7.11 -24.64 -0.17
N LEU C 104 6.95 -23.34 -0.43
CA LEU C 104 5.91 -22.91 -1.34
C LEU C 104 6.17 -23.31 -2.78
N GLY C 105 7.42 -23.56 -3.16
CA GLY C 105 7.74 -23.92 -4.53
C GLY C 105 8.70 -22.98 -5.26
N PHE C 106 9.22 -21.94 -4.61
CA PHE C 106 10.13 -21.01 -5.23
C PHE C 106 11.53 -21.63 -5.32
N ASP C 107 12.30 -21.21 -6.33
CA ASP C 107 13.73 -21.52 -6.36
C ASP C 107 14.43 -20.42 -5.58
N VAL C 108 14.78 -20.71 -4.34
CA VAL C 108 15.27 -19.69 -3.42
C VAL C 108 16.76 -19.53 -3.60
N ILE C 109 17.24 -18.28 -3.58
CA ILE C 109 18.65 -17.94 -3.64
C ILE C 109 18.94 -16.94 -2.53
N VAL C 110 19.95 -17.20 -1.71
CA VAL C 110 20.26 -16.31 -0.59
C VAL C 110 21.62 -15.64 -0.83
N TYR C 111 21.61 -14.31 -0.87
CA TYR C 111 22.81 -13.48 -0.96
C TYR C 111 23.07 -12.83 0.39
N ASN C 112 24.35 -12.68 0.74
CA ASN C 112 24.71 -12.17 2.05
C ASN C 112 25.71 -11.03 1.97
N ASP C 113 25.57 -10.10 2.91
CA ASP C 113 26.42 -8.92 3.06
C ASP C 113 26.70 -8.25 1.71
N CYS C 114 25.63 -7.83 1.04
CA CYS C 114 25.77 -7.26 -0.30
C CYS C 114 26.02 -5.76 -0.27
N SER C 115 26.86 -5.32 -1.20
CA SER C 115 27.09 -3.91 -1.45
C SER C 115 25.90 -3.31 -2.20
N CYS C 116 25.84 -1.97 -2.23
CA CYS C 116 24.78 -1.35 -3.02
C CYS C 116 24.92 -1.73 -4.49
N ALA C 117 26.13 -1.68 -5.03
CA ALA C 117 26.28 -2.03 -6.43
C ALA C 117 25.91 -3.48 -6.67
N LYS C 118 26.23 -4.37 -5.72
CA LYS C 118 25.84 -5.76 -5.90
C LYS C 118 24.33 -5.91 -5.90
N MET C 119 23.64 -5.20 -4.99
CA MET C 119 22.19 -5.31 -4.94
C MET C 119 21.56 -4.84 -6.26
N GLN C 120 22.10 -3.82 -6.87
CA GLN C 120 21.51 -3.39 -8.12
C GLN C 120 21.80 -4.33 -9.25
N ASP C 121 23.00 -4.89 -9.25
CA ASP C 121 23.48 -5.68 -10.39
C ASP C 121 22.82 -7.06 -10.43
N LEU C 122 22.65 -7.66 -9.26
CA LEU C 122 22.03 -8.98 -9.16
C LEU C 122 20.52 -8.89 -9.31
N LEU C 123 19.97 -7.71 -9.02
CA LEU C 123 18.55 -7.45 -9.28
C LEU C 123 18.31 -7.10 -10.75
N LYS C 124 19.27 -6.38 -11.34
CA LYS C 124 19.20 -6.06 -12.76
C LYS C 124 19.38 -7.31 -13.61
N LYS C 125 20.28 -8.22 -13.20
CA LYS C 125 20.49 -9.44 -14.00
C LYS C 125 19.30 -10.36 -13.86
N ALA C 126 18.76 -10.49 -12.65
CA ALA C 126 17.56 -11.29 -12.47
C ALA C 126 16.42 -10.78 -13.34
N SER C 127 16.29 -9.45 -13.48
CA SER C 127 15.30 -8.87 -14.38
C SER C 127 15.54 -9.30 -15.83
N GLU C 128 16.79 -9.61 -16.19
CA GLU C 128 17.12 -9.89 -17.58
C GLU C 128 17.04 -11.37 -17.92
N GLU C 129 16.97 -12.24 -16.93
CA GLU C 129 16.75 -13.66 -17.17
C GLU C 129 15.40 -13.88 -17.85
N ASP C 130 15.14 -15.12 -18.22
CA ASP C 130 13.93 -15.49 -18.98
C ASP C 130 12.95 -16.12 -18.00
N HIS C 131 11.85 -15.43 -17.74
CA HIS C 131 10.86 -15.85 -16.77
C HIS C 131 9.61 -16.44 -17.43
N THR C 132 9.69 -16.70 -18.74
CA THR C 132 8.54 -17.18 -19.51
C THR C 132 7.88 -18.40 -18.87
N ASN C 133 8.64 -19.28 -18.22
CA ASN C 133 8.05 -20.47 -17.65
C ASN C 133 7.81 -20.34 -16.14
N ALA C 134 7.82 -19.11 -15.61
CA ALA C 134 7.62 -18.84 -14.20
C ALA C 134 6.28 -18.14 -13.99
N ALA C 135 5.58 -18.50 -12.90
CA ALA C 135 4.31 -17.85 -12.55
C ALA C 135 4.48 -16.48 -11.88
N CYS C 136 5.53 -16.28 -11.09
CA CYS C 136 5.73 -15.01 -10.38
C CYS C 136 7.20 -14.86 -9.99
N PHE C 137 7.52 -13.72 -9.39
CA PHE C 137 8.86 -13.44 -8.90
C PHE C 137 8.78 -12.83 -7.50
N ALA C 138 9.71 -13.21 -6.64
CA ALA C 138 9.74 -12.72 -5.27
C ALA C 138 11.15 -12.29 -4.90
N CYS C 139 11.25 -11.18 -4.17
CA CYS C 139 12.50 -10.69 -3.60
C CYS C 139 12.26 -10.27 -2.15
N ILE C 140 13.21 -10.59 -1.26
CA ILE C 140 13.10 -10.26 0.16
C ILE C 140 14.35 -9.52 0.60
N LEU C 141 14.18 -8.36 1.21
CA LEU C 141 15.30 -7.51 1.61
C LEU C 141 15.35 -7.44 3.13
N LEU C 142 16.46 -7.86 3.70
CA LEU C 142 16.70 -7.78 5.14
C LEU C 142 17.91 -6.89 5.37
N SER C 143 17.69 -5.69 5.89
CA SER C 143 18.80 -4.75 6.03
C SER C 143 18.37 -3.58 6.90
N HIS C 144 19.31 -2.65 7.11
CA HIS C 144 18.97 -1.34 7.65
C HIS C 144 18.27 -0.52 6.57
N GLY C 145 17.42 0.39 7.00
CA GLY C 145 16.73 1.23 6.05
C GLY C 145 16.38 2.57 6.66
N GLU C 146 16.09 3.52 5.78
CA GLU C 146 15.44 4.79 6.08
C GLU C 146 14.48 5.04 4.94
N GLU C 147 13.61 6.06 5.07
CA GLU C 147 12.46 6.12 4.19
C GLU C 147 12.91 6.15 2.73
N ASN C 148 12.28 5.32 1.90
CA ASN C 148 12.51 5.19 0.47
C ASN C 148 13.84 4.51 0.12
N VAL C 149 14.54 3.97 1.11
CA VAL C 149 15.97 3.70 0.99
C VAL C 149 16.37 2.48 1.81
N ILE C 150 17.23 1.63 1.25
CA ILE C 150 17.69 0.45 1.96
C ILE C 150 19.21 0.44 1.94
N TYR C 151 19.79 -0.07 3.02
CA TYR C 151 21.24 -0.09 3.18
C TYR C 151 21.87 -1.33 2.53
N GLY C 152 22.91 -1.12 1.75
CA GLY C 152 23.90 -2.14 1.51
C GLY C 152 25.02 -2.05 2.52
N LYS C 153 26.03 -2.89 2.32
CA LYS C 153 27.26 -2.80 3.12
C LYS C 153 27.88 -1.42 2.94
N ASP C 154 27.83 -0.94 1.70
CA ASP C 154 28.49 0.24 1.17
C ASP C 154 27.85 1.53 1.65
N GLY C 155 26.55 1.56 1.73
CA GLY C 155 25.80 2.74 2.06
C GLY C 155 24.32 2.60 1.75
N VAL C 156 23.72 3.56 1.07
CA VAL C 156 22.30 3.54 0.83
C VAL C 156 21.81 3.58 -0.62
N THR C 157 20.74 2.88 -0.95
CA THR C 157 20.22 2.86 -2.30
C THR C 157 18.70 2.94 -2.31
N PRO C 158 18.08 3.64 -3.24
CA PRO C 158 16.61 3.77 -3.20
C PRO C 158 15.92 2.47 -3.57
N ILE C 159 14.89 2.15 -2.80
CA ILE C 159 14.13 0.94 -3.06
C ILE C 159 13.49 0.99 -4.45
N LYS C 160 13.00 2.17 -4.87
CA LYS C 160 12.36 2.26 -6.19
C LYS C 160 13.32 1.88 -7.30
N ASP C 161 14.60 2.19 -7.14
CA ASP C 161 15.55 1.87 -8.21
C ASP C 161 15.84 0.37 -8.25
N LEU C 162 15.77 -0.31 -7.10
CA LEU C 162 15.90 -1.75 -7.11
C LEU C 162 14.70 -2.43 -7.76
N THR C 163 13.48 -1.92 -7.48
CA THR C 163 12.29 -2.56 -8.04
C THR C 163 12.01 -2.16 -9.47
N ALA C 164 12.55 -1.00 -9.90
CA ALA C 164 12.24 -0.50 -11.23
C ALA C 164 12.67 -1.48 -12.30
N HIS C 165 13.71 -2.29 -12.02
CA HIS C 165 14.22 -3.24 -12.99
C HIS C 165 13.14 -4.20 -13.48
N PHE C 166 12.05 -4.37 -12.74
CA PHE C 166 11.03 -5.35 -13.10
C PHE C 166 9.77 -4.73 -13.68
N ARG C 167 9.79 -3.42 -13.98
CA ARG C 167 8.67 -2.78 -14.66
C ARG C 167 8.32 -3.52 -15.94
N GLY C 168 7.06 -3.41 -16.36
CA GLY C 168 6.61 -4.10 -17.56
C GLY C 168 7.47 -3.81 -18.78
N ASP C 169 7.87 -2.56 -18.97
CA ASP C 169 8.67 -2.25 -20.14
C ASP C 169 10.13 -2.71 -20.01
N ARG C 170 10.57 -3.10 -18.82
CA ARG C 170 11.97 -3.46 -18.56
C ARG C 170 12.17 -4.92 -18.21
N CYS C 171 11.11 -5.71 -18.20
CA CYS C 171 11.17 -7.12 -17.89
C CYS C 171 9.98 -7.80 -18.53
N LYS C 172 10.03 -7.97 -19.85
CA LYS C 172 8.85 -8.40 -20.59
C LYS C 172 8.42 -9.81 -20.17
N THR C 173 9.33 -10.64 -19.69
CA THR C 173 8.91 -12.00 -19.40
C THR C 173 8.18 -12.10 -18.06
N LEU C 174 8.08 -11.01 -17.31
CA LEU C 174 7.25 -10.98 -16.10
C LEU C 174 5.99 -10.13 -16.30
N LEU C 175 5.75 -9.66 -17.52
CA LEU C 175 4.54 -8.91 -17.84
C LEU C 175 3.29 -9.68 -17.42
N GLU C 176 2.34 -8.97 -16.82
CA GLU C 176 1.08 -9.54 -16.34
C GLU C 176 1.25 -10.59 -15.25
N LYS C 177 2.45 -10.66 -14.64
CA LYS C 177 2.73 -11.63 -13.58
C LYS C 177 3.13 -10.91 -12.30
N PRO C 178 2.76 -11.45 -11.13
CA PRO C 178 3.03 -10.74 -9.87
C PRO C 178 4.51 -10.69 -9.51
N LYS C 179 4.95 -9.52 -9.05
CA LYS C 179 6.31 -9.27 -8.61
C LYS C 179 6.25 -8.81 -7.16
N LEU C 180 6.71 -9.67 -6.25
CA LEU C 180 6.51 -9.48 -4.83
C LEU C 180 7.82 -9.04 -4.20
N PHE C 181 7.74 -8.00 -3.36
CA PHE C 181 8.90 -7.52 -2.61
C PHE C 181 8.54 -7.43 -1.14
N PHE C 182 9.20 -8.24 -0.30
CA PHE C 182 9.05 -8.20 1.14
C PHE C 182 10.26 -7.48 1.71
N ILE C 183 10.05 -6.47 2.54
CA ILE C 183 11.12 -5.56 2.97
C ILE C 183 11.10 -5.41 4.48
N GLN C 184 12.11 -5.94 5.13
CA GLN C 184 12.31 -5.82 6.57
C GLN C 184 13.41 -4.79 6.75
N ALA C 185 13.04 -3.59 7.17
CA ALA C 185 13.94 -2.45 7.26
C ALA C 185 13.20 -1.28 7.87
N CYS C 186 13.91 -0.41 8.59
CA CYS C 186 13.29 0.81 9.07
C CYS C 186 12.90 1.70 7.90
N ARG C 187 11.89 2.53 8.13
CA ARG C 187 11.45 3.50 7.14
C ARG C 187 11.52 4.91 7.71
N GLY C 188 12.29 5.09 8.77
CA GLY C 188 12.37 6.35 9.46
C GLY C 188 12.68 6.09 10.93
N THR C 189 12.36 7.08 11.76
CA THR C 189 12.74 7.08 13.17
C THR C 189 11.59 7.31 14.16
N GLU C 190 10.37 7.60 13.69
CA GLU C 190 9.19 7.72 14.55
C GLU C 190 8.93 6.41 15.31
N LEU C 191 8.26 6.55 16.46
CA LEU C 191 7.92 5.40 17.28
C LEU C 191 6.41 5.35 17.51
N ASP C 192 5.89 4.14 17.62
CA ASP C 192 4.45 3.88 17.73
C ASP C 192 4.21 3.47 19.19
N ASP C 193 3.73 4.42 19.99
CA ASP C 193 3.62 4.24 21.44
C ASP C 193 2.45 3.36 21.86
N GLY C 194 1.49 3.10 20.96
CA GLY C 194 0.39 2.21 21.26
C GLY C 194 -0.74 2.87 22.03
N ILE C 195 -1.76 2.06 22.32
CA ILE C 195 -2.89 2.48 23.13
C ILE C 195 -3.65 1.22 23.57
N GLN C 196 -4.16 1.21 24.80
CA GLN C 196 -4.70 0.00 25.43
C GLN C 196 -5.93 -0.54 24.69
N LYS D 14 -2.33 -3.20 -24.48
CA LYS D 14 -1.42 -2.41 -23.63
C LYS D 14 -1.75 -2.38 -22.10
N ILE D 15 -0.72 -2.45 -21.24
CA ILE D 15 -0.86 -2.47 -19.78
C ILE D 15 0.18 -1.53 -19.16
N PRO D 16 -0.08 -1.06 -17.93
CA PRO D 16 0.83 -0.09 -17.31
C PRO D 16 2.13 -0.74 -16.86
N VAL D 17 3.23 0.01 -16.98
CA VAL D 17 4.53 -0.56 -16.65
C VAL D 17 4.65 -0.82 -15.16
N GLU D 18 3.85 -0.15 -14.33
CA GLU D 18 3.94 -0.27 -12.88
C GLU D 18 2.94 -1.26 -12.29
N ALA D 19 2.12 -1.90 -13.13
CA ALA D 19 1.14 -2.87 -12.69
C ALA D 19 1.79 -4.15 -12.13
N ASP D 20 1.02 -4.87 -11.32
CA ASP D 20 1.35 -6.20 -10.82
C ASP D 20 2.55 -6.21 -9.88
N PHE D 21 2.83 -5.12 -9.16
CA PHE D 21 3.77 -5.16 -8.05
C PHE D 21 3.02 -5.26 -6.74
N LEU D 22 3.63 -5.92 -5.75
CA LEU D 22 3.15 -5.86 -4.38
C LEU D 22 4.35 -5.65 -3.47
N PHE D 23 4.27 -4.64 -2.61
CA PHE D 23 5.31 -4.35 -1.62
C PHE D 23 4.76 -4.62 -0.23
N ALA D 24 5.32 -5.62 0.44
CA ALA D 24 5.01 -5.92 1.85
C ALA D 24 6.15 -5.38 2.71
N TYR D 25 5.99 -4.15 3.20
CA TYR D 25 6.97 -3.55 4.11
C TYR D 25 6.69 -3.99 5.55
N SER D 26 7.75 -4.14 6.33
CA SER D 26 7.55 -4.52 7.73
C SER D 26 6.95 -3.40 8.58
N THR D 27 6.93 -2.16 8.09
CA THR D 27 6.51 -1.02 8.90
C THR D 27 5.93 0.09 8.01
N VAL D 28 5.26 1.05 8.64
CA VAL D 28 4.58 2.13 7.91
C VAL D 28 5.61 3.19 7.56
N PRO D 29 5.36 4.04 6.56
CA PRO D 29 6.34 5.09 6.24
C PRO D 29 6.62 5.96 7.45
N GLY D 30 7.91 6.21 7.69
CA GLY D 30 8.36 7.10 8.74
C GLY D 30 8.74 6.44 10.04
N TYR D 31 8.49 5.14 10.21
CA TYR D 31 8.59 4.47 11.51
C TYR D 31 9.72 3.45 11.59
N TYR D 32 10.07 3.08 12.82
CA TYR D 32 11.06 2.07 13.11
C TYR D 32 10.53 0.69 12.75
N SER D 33 11.45 -0.27 12.69
CA SER D 33 11.11 -1.67 12.49
C SER D 33 11.90 -2.50 13.50
N TRP D 34 11.21 -3.35 14.25
CA TRP D 34 11.82 -3.98 15.40
C TRP D 34 12.35 -5.35 15.04
N ARG D 35 13.51 -5.67 15.61
CA ARG D 35 14.27 -6.88 15.36
C ARG D 35 14.77 -7.45 16.69
N SER D 36 14.31 -8.63 17.05
CA SER D 36 14.82 -9.31 18.23
C SER D 36 16.14 -9.99 17.89
N PRO D 37 17.24 -9.70 18.59
CA PRO D 37 18.54 -10.32 18.24
C PRO D 37 18.56 -11.84 18.34
N GLY D 38 17.72 -12.44 19.16
CA GLY D 38 17.78 -13.88 19.26
C GLY D 38 16.60 -14.59 18.61
N ARG D 39 15.52 -13.86 18.37
CA ARG D 39 14.31 -14.47 17.82
C ARG D 39 14.00 -13.98 16.41
N GLY D 40 14.71 -12.99 15.90
CA GLY D 40 14.47 -12.47 14.57
C GLY D 40 13.60 -11.22 14.59
N SER D 41 13.51 -10.57 13.43
CA SER D 41 12.65 -9.40 13.30
C SER D 41 11.18 -9.81 13.40
N TRP D 42 10.35 -8.93 13.95
CA TRP D 42 8.96 -9.27 14.23
C TRP D 42 8.22 -9.63 12.96
N PHE D 43 8.35 -8.78 11.94
CA PHE D 43 7.63 -8.99 10.70
C PHE D 43 7.98 -10.35 10.09
N VAL D 44 9.26 -10.69 10.07
CA VAL D 44 9.66 -11.94 9.43
C VAL D 44 9.12 -13.14 10.20
N GLN D 45 9.31 -13.16 11.53
CA GLN D 45 8.83 -14.32 12.27
C GLN D 45 7.32 -14.42 12.18
N ALA D 46 6.63 -13.29 12.20
CA ALA D 46 5.19 -13.31 11.99
C ALA D 46 4.85 -13.83 10.60
N LEU D 47 5.56 -13.33 9.58
CA LEU D 47 5.31 -13.75 8.21
C LEU D 47 5.51 -15.25 8.05
N CYS D 48 6.61 -15.78 8.59
CA CYS D 48 6.92 -17.20 8.38
C CYS D 48 5.91 -18.10 9.09
N SER D 49 5.51 -17.73 10.30
CA SER D 49 4.46 -18.46 11.00
C SER D 49 3.21 -18.59 10.14
N ILE D 50 2.71 -17.47 9.62
CA ILE D 50 1.46 -17.51 8.86
C ILE D 50 1.65 -18.33 7.58
N LEU D 51 2.79 -18.17 6.91
CA LEU D 51 3.02 -18.94 5.68
C LEU D 51 3.12 -20.44 5.95
N GLU D 52 3.76 -20.84 7.06
CA GLU D 52 3.82 -22.25 7.42
C GLU D 52 2.43 -22.84 7.58
N GLU D 53 1.52 -22.12 8.24
CA GLU D 53 0.18 -22.66 8.47
C GLU D 53 -0.76 -22.45 7.28
N HIS D 54 -0.59 -21.37 6.50
CA HIS D 54 -1.63 -21.03 5.54
C HIS D 54 -1.12 -20.61 4.16
N GLY D 55 0.18 -20.70 3.90
CA GLY D 55 0.71 -20.24 2.64
C GLY D 55 0.08 -20.87 1.41
N LYS D 56 -0.33 -22.14 1.51
CA LYS D 56 -0.82 -22.82 0.33
C LYS D 56 -2.34 -22.74 0.20
N ASP D 57 -3.04 -22.22 1.20
CA ASP D 57 -4.50 -22.13 1.16
C ASP D 57 -5.08 -20.73 1.25
N LEU D 58 -4.29 -19.68 1.47
CA LEU D 58 -4.81 -18.32 1.62
C LEU D 58 -4.32 -17.40 0.51
N GLU D 59 -5.15 -16.43 0.15
CA GLU D 59 -4.78 -15.43 -0.84
C GLU D 59 -3.73 -14.48 -0.23
N ILE D 60 -2.90 -13.88 -1.09
CA ILE D 60 -1.74 -13.13 -0.60
C ILE D 60 -2.17 -12.01 0.36
N MET D 61 -3.27 -11.30 0.04
CA MET D 61 -3.73 -10.25 0.93
C MET D 61 -4.29 -10.83 2.23
N GLN D 62 -4.99 -11.96 2.15
CA GLN D 62 -5.39 -12.63 3.38
C GLN D 62 -4.18 -13.01 4.22
N ILE D 63 -3.12 -13.50 3.58
CA ILE D 63 -1.93 -13.83 4.34
C ILE D 63 -1.36 -12.59 5.01
N LEU D 64 -1.15 -11.52 4.24
CA LEU D 64 -0.46 -10.37 4.82
C LEU D 64 -1.34 -9.61 5.80
N THR D 65 -2.66 -9.70 5.66
CA THR D 65 -3.53 -9.07 6.64
C THR D 65 -3.40 -9.75 7.99
N ARG D 66 -3.34 -11.09 7.99
CA ARG D 66 -3.11 -11.81 9.24
C ARG D 66 -1.74 -11.49 9.81
N VAL D 67 -0.77 -11.25 8.94
CA VAL D 67 0.56 -10.85 9.38
C VAL D 67 0.48 -9.50 10.05
N ASN D 68 -0.24 -8.58 9.42
CA ASN D 68 -0.50 -7.29 10.04
C ASN D 68 -1.05 -7.45 11.44
N ASP D 69 -2.06 -8.32 11.58
CA ASP D 69 -2.69 -8.53 12.88
C ASP D 69 -1.69 -9.08 13.89
N ARG D 70 -0.89 -10.07 13.49
CA ARG D 70 0.00 -10.70 14.47
C ARG D 70 1.09 -9.74 14.92
N VAL D 71 1.64 -8.94 14.01
CA VAL D 71 2.64 -7.98 14.45
C VAL D 71 2.00 -6.95 15.37
N ALA D 72 0.77 -6.54 15.07
CA ALA D 72 0.13 -5.49 15.83
C ALA D 72 -0.19 -5.94 17.25
N ARG D 73 -0.61 -7.18 17.40
CA ARG D 73 -1.09 -7.69 18.69
C ARG D 73 -0.03 -8.43 19.50
N HIS D 74 0.77 -9.29 18.87
CA HIS D 74 1.63 -10.18 19.62
C HIS D 74 2.93 -9.53 20.10
N PHE D 75 3.25 -8.31 19.67
CA PHE D 75 4.58 -7.78 19.84
C PHE D 75 4.60 -6.42 20.51
N GLU D 76 5.52 -6.25 21.46
CA GLU D 76 5.74 -5.02 22.19
C GLU D 76 7.19 -5.03 22.65
N SER D 77 7.91 -3.93 22.39
CA SER D 77 9.35 -3.91 22.64
C SER D 77 9.62 -3.94 24.13
N GLN D 78 10.48 -4.87 24.56
CA GLN D 78 10.94 -4.97 25.94
C GLN D 78 12.31 -4.30 25.98
N SER D 79 12.35 -3.08 26.49
CA SER D 79 13.59 -2.32 26.55
C SER D 79 13.69 -1.55 27.86
N ASP D 80 14.93 -1.23 28.23
CA ASP D 80 15.28 -0.55 29.48
C ASP D 80 15.25 0.97 29.33
N ASP D 81 15.92 1.53 28.30
CA ASP D 81 15.77 2.95 27.98
C ASP D 81 14.29 3.23 27.73
N PRO D 82 13.62 3.96 28.61
CA PRO D 82 12.15 4.12 28.49
C PRO D 82 11.73 4.91 27.25
N HIS D 83 12.68 5.53 26.56
CA HIS D 83 12.39 6.09 25.25
C HIS D 83 11.90 5.02 24.28
N PHE D 84 12.32 3.75 24.50
CA PHE D 84 11.95 2.62 23.65
C PHE D 84 11.12 1.58 24.41
N HIS D 85 10.54 1.92 25.56
CA HIS D 85 9.83 0.93 26.36
C HIS D 85 8.40 0.77 25.88
N GLU D 86 8.01 -0.48 25.65
CA GLU D 86 6.61 -0.86 25.37
C GLU D 86 6.08 -0.16 24.10
N LYS D 87 6.88 -0.17 23.04
CA LYS D 87 6.50 0.37 21.74
C LYS D 87 5.91 -0.71 20.84
N LYS D 88 5.20 -0.27 19.79
CA LYS D 88 4.42 -1.16 18.94
C LYS D 88 4.81 -0.98 17.47
N GLN D 89 4.27 -1.85 16.62
CA GLN D 89 4.62 -1.85 15.20
C GLN D 89 3.45 -2.35 14.38
N ILE D 90 3.23 -1.73 13.22
CA ILE D 90 2.23 -2.18 12.24
C ILE D 90 2.91 -2.25 10.88
N PRO D 91 2.81 -3.36 10.14
CA PRO D 91 3.39 -3.43 8.79
C PRO D 91 2.46 -2.73 7.79
N CYS D 92 2.87 -2.75 6.52
CA CYS D 92 2.23 -1.89 5.54
C CYS D 92 2.32 -2.55 4.17
N VAL D 93 1.16 -2.90 3.60
CA VAL D 93 1.04 -3.61 2.32
C VAL D 93 0.70 -2.63 1.22
N VAL D 94 1.52 -2.57 0.16
CA VAL D 94 1.20 -1.74 -1.01
C VAL D 94 0.96 -2.67 -2.16
N SER D 95 -0.26 -2.67 -2.69
CA SER D 95 -0.60 -3.62 -3.74
C SER D 95 -0.94 -2.89 -5.01
N MET D 96 -0.19 -3.18 -6.07
CA MET D 96 -0.58 -2.84 -7.43
C MET D 96 -1.06 -4.07 -8.20
N LEU D 97 -1.39 -5.16 -7.49
CA LEU D 97 -1.80 -6.40 -8.13
C LEU D 97 -3.13 -6.19 -8.85
N THR D 98 -3.33 -6.96 -9.91
CA THR D 98 -4.56 -6.88 -10.70
C THR D 98 -5.42 -8.12 -10.57
N LYS D 99 -4.97 -9.13 -9.81
CA LYS D 99 -5.73 -10.37 -9.63
C LYS D 99 -5.48 -10.88 -8.23
N GLU D 100 -6.31 -11.83 -7.81
CA GLU D 100 -6.03 -12.58 -6.60
C GLU D 100 -4.83 -13.49 -6.83
N LEU D 101 -4.03 -13.70 -5.80
CA LEU D 101 -2.84 -14.53 -5.94
C LEU D 101 -2.83 -15.62 -4.90
N TYR D 102 -2.85 -16.86 -5.38
CA TYR D 102 -2.71 -18.06 -4.55
C TYR D 102 -1.43 -18.77 -4.97
N PHE D 103 -0.72 -19.33 -4.00
CA PHE D 103 0.48 -20.10 -4.34
C PHE D 103 0.17 -21.58 -4.67
N SER D 104 -0.83 -21.83 -5.52
CA SER D 104 -1.21 -23.21 -5.91
C SER D 104 -1.77 -23.34 -7.34
O B3L E 6 -6.78 13.91 -17.68
C B3L E 6 -6.61 15.16 -17.58
CB B3L E 6 -6.91 16.12 -18.78
CA B3L E 6 -7.82 15.55 -19.90
N B3L E 6 -8.50 16.62 -20.62
CG B3L E 6 -6.99 14.70 -20.91
CD B3L E 6 -7.72 13.43 -21.45
CE2 B3L E 6 -8.51 12.68 -20.36
CE1 B3L E 6 -6.72 12.43 -22.03
N PHE E 7 -6.35 15.47 -16.30
CA PHE E 7 -5.22 15.23 -15.39
C PHE E 7 -5.55 15.92 -14.03
N 1U8 E 8 -5.04 15.40 -12.90
CA 1U8 E 8 -5.28 16.03 -11.59
C 1U8 E 8 -3.97 16.35 -10.83
O 1U8 E 8 -3.99 16.67 -9.67
CB 1U8 E 8 -6.15 15.16 -10.69
CG 1U8 E 8 -7.66 15.34 -10.97
OD1 1U8 E 8 -8.09 16.41 -11.48
OD2 1U8 E 8 -8.48 14.42 -10.70
C9 1U8 E 8 -2.64 16.26 -11.56
O B3L F 6 14.92 -3.76 17.57
C B3L F 6 16.08 -3.27 17.47
CB B3L F 6 17.16 -3.77 18.44
CA B3L F 6 16.97 -3.17 19.85
N B3L F 6 17.46 -4.11 20.85
CG B3L F 6 17.69 -1.78 19.88
CD B3L F 6 17.36 -0.92 21.12
CE2 B3L F 6 17.80 0.53 20.86
CE1 B3L F 6 15.87 -0.94 21.48
N PHE F 7 16.40 -2.73 16.28
CA PHE F 7 15.69 -1.82 15.38
C PHE F 7 16.44 -1.85 14.03
N 1U8 F 8 15.76 -1.57 12.90
CA 1U8 F 8 16.45 -1.57 11.60
C 1U8 F 8 16.55 -0.17 10.97
O 1U8 F 8 16.86 -0.05 9.83
CB 1U8 F 8 15.76 -2.55 10.64
CG 1U8 F 8 16.43 -3.93 10.82
OD1 1U8 F 8 17.61 -3.96 11.24
OD2 1U8 F 8 15.82 -5.01 10.58
C9 1U8 F 8 16.28 1.07 11.82
#